data_7USJ
#
_entry.id   7USJ
#
_cell.length_a   77.625
_cell.length_b   77.625
_cell.length_c   100.645
_cell.angle_alpha   90.000
_cell.angle_beta   90.000
_cell.angle_gamma   90.000
#
_symmetry.space_group_name_H-M   'P 43 21 2'
#
loop_
_entity.id
_entity.type
_entity.pdbx_description
1 polymer 'Bromodomain-containing protein 4'
2 non-polymer 3-(2,3-dihydro-1,4-benzodioxin-6-yl)-5-(morpholin-4-yl)-7H-thieno[3,2-b]pyran-7-one
3 water water
#
_entity_poly.entity_id   1
_entity_poly.type   'polypeptide(L)'
_entity_poly.pdbx_seq_one_letter_code
;GPMEQLKCCSGILKEMFAKKHAAYAWPFYKPVDVEALGLHDYCDIIKHPMDMSTIKSKLEAREYRDAQEFGADVRLMFSN
CYKYNPPDHEVVAMARKLQDVFEMRFAKM
;
_entity_poly.pdbx_strand_id   A,B
#
# COMPACT_ATOMS: atom_id res chain seq x y z
N GLY A 1 -22.23 -1.70 3.71
CA GLY A 1 -22.22 -2.40 4.98
C GLY A 1 -20.98 -3.24 5.19
N PRO A 2 -20.61 -3.46 6.45
CA PRO A 2 -19.45 -4.32 6.72
C PRO A 2 -19.54 -5.70 6.09
N MET A 3 -20.73 -6.28 5.96
CA MET A 3 -20.81 -7.64 5.42
C MET A 3 -20.42 -7.66 3.95
N GLU A 4 -20.93 -6.72 3.17
CA GLU A 4 -20.62 -6.72 1.74
C GLU A 4 -19.15 -6.39 1.50
N GLN A 5 -18.59 -5.48 2.31
CA GLN A 5 -17.16 -5.22 2.29
C GLN A 5 -16.36 -6.51 2.42
N LEU A 6 -16.72 -7.35 3.40
CA LEU A 6 -15.95 -8.57 3.65
C LEU A 6 -16.20 -9.63 2.59
N LYS A 7 -17.42 -9.69 2.01
CA LYS A 7 -17.58 -10.51 0.82
C LYS A 7 -16.60 -10.08 -0.25
N CYS A 8 -16.46 -8.76 -0.44
CA CYS A 8 -15.54 -8.26 -1.46
CA CYS A 8 -15.54 -8.28 -1.46
C CYS A 8 -14.08 -8.55 -1.10
N CYS A 9 -13.73 -8.49 0.19
CA CYS A 9 -12.38 -8.84 0.58
C CYS A 9 -12.06 -10.28 0.21
N SER A 10 -13.02 -11.19 0.43
CA SER A 10 -12.79 -12.59 0.07
C SER A 10 -12.60 -12.74 -1.44
N GLY A 11 -13.30 -11.94 -2.24
CA GLY A 11 -13.12 -12.01 -3.68
C GLY A 11 -11.78 -11.45 -4.14
N ILE A 12 -11.28 -10.41 -3.45
CA ILE A 12 -9.96 -9.90 -3.80
C ILE A 12 -8.88 -10.90 -3.41
N LEU A 13 -9.00 -11.48 -2.21
CA LEU A 13 -8.06 -12.54 -1.82
C LEU A 13 -8.14 -13.71 -2.78
N LYS A 14 -9.35 -14.10 -3.18
CA LYS A 14 -9.51 -15.17 -4.15
C LYS A 14 -8.78 -14.85 -5.45
N GLU A 15 -8.90 -13.61 -5.95
CA GLU A 15 -8.18 -13.30 -7.18
C GLU A 15 -6.66 -13.34 -6.96
N MET A 16 -6.21 -12.96 -5.76
CA MET A 16 -4.77 -13.00 -5.50
C MET A 16 -4.24 -14.43 -5.57
N PHE A 17 -5.09 -15.43 -5.27
CA PHE A 17 -4.74 -16.85 -5.38
C PHE A 17 -4.87 -17.42 -6.80
N ALA A 18 -5.46 -16.69 -7.74
CA ALA A 18 -5.78 -17.24 -9.05
C ALA A 18 -4.51 -17.50 -9.88
N LYS A 19 -4.66 -18.40 -10.89
CA LYS A 19 -3.52 -18.81 -11.71
C LYS A 19 -2.91 -17.62 -12.43
N LYS A 20 -3.76 -16.66 -12.84
CA LYS A 20 -3.30 -15.45 -13.52
C LYS A 20 -2.12 -14.79 -12.81
N HIS A 21 -2.07 -14.88 -11.48
CA HIS A 21 -1.08 -14.13 -10.70
C HIS A 21 0.01 -15.03 -10.12
N ALA A 22 -0.03 -16.33 -10.38
CA ALA A 22 0.83 -17.27 -9.69
C ALA A 22 2.32 -17.04 -9.96
N ALA A 23 2.68 -16.32 -11.03
CA ALA A 23 4.09 -16.10 -11.34
C ALA A 23 4.77 -15.22 -10.29
N TYR A 24 4.05 -14.27 -9.69
CA TYR A 24 4.60 -13.46 -8.61
C TYR A 24 3.89 -13.66 -7.29
N ALA A 25 2.78 -14.42 -7.25
CA ALA A 25 2.02 -14.56 -6.01
C ALA A 25 2.46 -15.74 -5.16
N TRP A 26 3.17 -16.71 -5.74
CA TRP A 26 3.36 -17.98 -5.05
C TRP A 26 4.16 -17.89 -3.74
N PRO A 27 5.16 -17.02 -3.56
CA PRO A 27 5.84 -16.97 -2.25
C PRO A 27 4.91 -16.62 -1.09
N PHE A 28 3.81 -15.91 -1.37
CA PHE A 28 2.94 -15.34 -0.35
C PHE A 28 1.73 -16.22 -0.04
N TYR A 29 1.70 -17.45 -0.57
CA TYR A 29 0.58 -18.36 -0.32
C TYR A 29 0.53 -18.82 1.12
N LYS A 30 1.66 -19.22 1.67
CA LYS A 30 1.73 -19.89 2.96
C LYS A 30 2.69 -19.15 3.87
N PRO A 31 2.57 -19.31 5.19
CA PRO A 31 3.49 -18.59 6.09
C PRO A 31 4.94 -18.88 5.72
N VAL A 32 5.77 -17.85 5.87
CA VAL A 32 7.20 -18.02 5.58
C VAL A 32 7.73 -19.08 6.53
N ASP A 33 8.50 -20.02 5.98
CA ASP A 33 8.97 -21.20 6.69
C ASP A 33 10.47 -20.99 6.94
N VAL A 34 10.82 -20.54 8.15
CA VAL A 34 12.20 -20.13 8.41
C VAL A 34 13.15 -21.33 8.49
N GLU A 35 12.62 -22.52 8.77
CA GLU A 35 13.48 -23.69 8.79
C GLU A 35 13.77 -24.18 7.38
N ALA A 36 12.73 -24.36 6.56
CA ALA A 36 12.94 -24.87 5.22
C ALA A 36 13.69 -23.87 4.33
N LEU A 37 13.73 -22.61 4.73
CA LEU A 37 14.33 -21.56 3.92
C LEU A 37 15.60 -20.96 4.55
N GLY A 38 15.96 -21.39 5.75
CA GLY A 38 17.21 -20.98 6.35
C GLY A 38 17.30 -19.51 6.76
N LEU A 39 16.17 -18.90 7.10
CA LEU A 39 16.15 -17.49 7.52
C LEU A 39 16.17 -17.48 9.05
N HIS A 40 17.39 -17.45 9.61
CA HIS A 40 17.55 -17.50 11.06
C HIS A 40 17.25 -16.17 11.74
N ASP A 41 17.42 -15.06 11.01
CA ASP A 41 17.15 -13.74 11.54
C ASP A 41 15.71 -13.29 11.29
N TYR A 42 14.90 -14.12 10.62
CA TYR A 42 13.60 -13.64 10.17
C TYR A 42 12.69 -13.27 11.33
N CYS A 43 12.54 -14.16 12.31
CA CYS A 43 11.69 -13.86 13.46
C CYS A 43 12.29 -12.76 14.33
N ASP A 44 13.58 -12.47 14.18
CA ASP A 44 14.17 -11.32 14.84
C ASP A 44 13.67 -10.03 14.20
N ILE A 45 13.67 -9.97 12.86
CA ILE A 45 13.32 -8.75 12.14
C ILE A 45 11.81 -8.58 12.05
N ILE A 46 11.08 -9.63 11.71
CA ILE A 46 9.64 -9.56 11.45
C ILE A 46 8.92 -10.06 12.71
N LYS A 47 8.37 -9.14 13.49
CA LYS A 47 7.68 -9.53 14.71
C LYS A 47 6.25 -9.99 14.46
N HIS A 48 5.69 -9.76 13.27
CA HIS A 48 4.32 -10.16 12.98
C HIS A 48 4.23 -10.72 11.57
N PRO A 49 4.49 -12.02 11.40
CA PRO A 49 4.42 -12.63 10.07
C PRO A 49 2.99 -12.67 9.57
N MET A 50 2.84 -12.65 8.25
CA MET A 50 1.52 -12.66 7.66
C MET A 50 1.64 -13.27 6.29
N ASP A 51 0.57 -13.94 5.85
CA ASP A 51 0.54 -14.61 4.55
C ASP A 51 -0.90 -14.73 4.10
N MET A 52 -1.06 -15.20 2.86
CA MET A 52 -2.39 -15.23 2.25
C MET A 52 -3.28 -16.30 2.88
N SER A 53 -2.71 -17.47 3.20
CA SER A 53 -3.51 -18.53 3.81
C SER A 53 -4.00 -18.15 5.20
N THR A 54 -3.14 -17.49 5.99
CA THR A 54 -3.58 -16.99 7.29
C THR A 54 -4.67 -15.93 7.13
N ILE A 55 -4.54 -15.05 6.13
CA ILE A 55 -5.57 -14.04 5.93
C ILE A 55 -6.88 -14.71 5.55
N LYS A 56 -6.81 -15.76 4.72
CA LYS A 56 -8.01 -16.50 4.34
C LYS A 56 -8.64 -17.16 5.56
N SER A 57 -7.81 -17.70 6.46
CA SER A 57 -8.35 -18.34 7.67
C SER A 57 -8.99 -17.30 8.58
N LYS A 58 -8.36 -16.13 8.73
CA LYS A 58 -8.94 -15.10 9.56
C LYS A 58 -10.25 -14.60 8.96
N LEU A 59 -10.29 -14.46 7.64
CA LEU A 59 -11.53 -14.08 6.98
C LEU A 59 -12.64 -15.09 7.29
N GLU A 60 -12.35 -16.38 7.09
CA GLU A 60 -13.33 -17.45 7.24
C GLU A 60 -13.75 -17.70 8.67
N ALA A 61 -13.24 -16.95 9.64
CA ALA A 61 -13.71 -17.01 11.01
C ALA A 61 -14.08 -15.63 11.54
N ARG A 62 -14.40 -14.69 10.64
CA ARG A 62 -14.49 -13.24 10.88
C ARG A 62 -13.63 -12.70 12.02
N GLU A 63 -12.30 -12.74 11.89
CA GLU A 63 -11.46 -11.91 12.74
C GLU A 63 -11.40 -10.47 12.25
N TYR A 64 -11.73 -10.24 10.97
CA TYR A 64 -11.74 -8.90 10.41
C TYR A 64 -13.10 -8.26 10.62
N ARG A 65 -13.11 -7.07 11.22
CA ARG A 65 -14.37 -6.35 11.41
C ARG A 65 -14.86 -5.71 10.12
N ASP A 66 -13.96 -5.29 9.25
CA ASP A 66 -14.34 -4.55 8.04
C ASP A 66 -13.24 -4.71 7.00
N ALA A 67 -13.35 -3.94 5.91
CA ALA A 67 -12.36 -4.02 4.85
C ALA A 67 -11.01 -3.49 5.30
N GLN A 68 -11.00 -2.53 6.24
CA GLN A 68 -9.74 -1.90 6.58
C GLN A 68 -8.85 -2.82 7.41
N GLU A 69 -9.44 -3.66 8.27
CA GLU A 69 -8.63 -4.62 9.01
C GLU A 69 -8.06 -5.68 8.09
N PHE A 70 -8.86 -6.15 7.13
CA PHE A 70 -8.35 -7.02 6.09
C PHE A 70 -7.17 -6.38 5.38
N GLY A 71 -7.35 -5.14 4.92
CA GLY A 71 -6.30 -4.49 4.15
C GLY A 71 -5.03 -4.30 4.94
N ALA A 72 -5.16 -4.02 6.24
CA ALA A 72 -3.98 -3.86 7.08
C ALA A 72 -3.14 -5.12 7.11
N ASP A 73 -3.80 -6.30 7.13
CA ASP A 73 -3.05 -7.55 7.15
C ASP A 73 -2.40 -7.83 5.81
N VAL A 74 -3.10 -7.52 4.71
CA VAL A 74 -2.49 -7.66 3.38
C VAL A 74 -1.23 -6.80 3.30
N ARG A 75 -1.33 -5.53 3.70
CA ARG A 75 -0.19 -4.63 3.62
C ARG A 75 0.90 -5.04 4.58
N LEU A 76 0.54 -5.56 5.76
CA LEU A 76 1.55 -6.12 6.66
C LEU A 76 2.33 -7.24 5.97
N MET A 77 1.64 -8.11 5.23
CA MET A 77 2.35 -9.16 4.50
C MET A 77 3.37 -8.57 3.53
N PHE A 78 2.99 -7.51 2.81
CA PHE A 78 3.95 -6.88 1.90
C PHE A 78 5.04 -6.12 2.65
N SER A 79 4.68 -5.42 3.73
CA SER A 79 5.66 -4.65 4.50
C SER A 79 6.75 -5.56 5.05
N ASN A 80 6.36 -6.70 5.62
CA ASN A 80 7.35 -7.66 6.12
C ASN A 80 8.39 -7.99 5.06
N CYS A 81 7.93 -8.22 3.84
CA CYS A 81 8.82 -8.56 2.75
C CYS A 81 9.71 -7.37 2.38
N TYR A 82 9.12 -6.18 2.27
CA TYR A 82 9.93 -4.99 2.03
C TYR A 82 10.92 -4.74 3.17
N LYS A 83 10.48 -4.95 4.42
CA LYS A 83 11.34 -4.68 5.56
C LYS A 83 12.51 -5.67 5.61
N TYR A 84 12.24 -6.95 5.36
CA TYR A 84 13.24 -7.98 5.62
C TYR A 84 14.33 -8.05 4.57
N ASN A 85 14.03 -7.69 3.30
CA ASN A 85 14.92 -8.06 2.20
C ASN A 85 15.59 -6.84 1.60
N PRO A 86 16.76 -7.00 0.99
CA PRO A 86 17.32 -5.95 0.13
C PRO A 86 16.29 -5.51 -0.89
N PRO A 87 16.22 -4.21 -1.20
CA PRO A 87 15.13 -3.73 -2.07
C PRO A 87 15.25 -4.20 -3.51
N ASP A 88 16.41 -4.74 -3.91
CA ASP A 88 16.63 -5.21 -5.26
C ASP A 88 16.33 -6.70 -5.40
N HIS A 89 15.97 -7.37 -4.33
CA HIS A 89 15.84 -8.82 -4.37
C HIS A 89 14.57 -9.22 -5.11
N GLU A 90 14.67 -10.31 -5.87
CA GLU A 90 13.55 -10.89 -6.62
C GLU A 90 12.21 -10.89 -5.87
N VAL A 91 12.20 -11.33 -4.61
CA VAL A 91 10.94 -11.50 -3.88
C VAL A 91 10.27 -10.14 -3.66
N VAL A 92 11.05 -9.07 -3.52
CA VAL A 92 10.49 -7.73 -3.37
C VAL A 92 9.78 -7.31 -4.66
N ALA A 93 10.40 -7.55 -5.82
CA ALA A 93 9.76 -7.24 -7.08
C ALA A 93 8.43 -8.00 -7.21
N MET A 94 8.42 -9.26 -6.75
CA MET A 94 7.20 -10.07 -6.85
C MET A 94 6.12 -9.54 -5.90
N ALA A 95 6.50 -9.19 -4.67
CA ALA A 95 5.55 -8.57 -3.74
C ALA A 95 4.98 -7.27 -4.31
N ARG A 96 5.82 -6.47 -4.96
CA ARG A 96 5.34 -5.23 -5.57
C ARG A 96 4.32 -5.51 -6.66
N LYS A 97 4.57 -6.53 -7.49
CA LYS A 97 3.63 -6.88 -8.56
C LYS A 97 2.30 -7.32 -7.97
N LEU A 98 2.35 -8.09 -6.89
CA LEU A 98 1.12 -8.54 -6.26
C LEU A 98 0.41 -7.39 -5.56
N GLN A 99 1.17 -6.48 -4.93
CA GLN A 99 0.54 -5.36 -4.24
C GLN A 99 -0.15 -4.41 -5.21
N ASP A 100 0.43 -4.22 -6.39
CA ASP A 100 -0.24 -3.40 -7.39
C ASP A 100 -1.57 -4.02 -7.80
N VAL A 101 -1.68 -5.35 -7.77
CA VAL A 101 -2.97 -6.00 -8.04
C VAL A 101 -3.92 -5.80 -6.86
N PHE A 102 -3.42 -5.99 -5.64
CA PHE A 102 -4.25 -5.78 -4.45
C PHE A 102 -4.78 -4.36 -4.36
N GLU A 103 -3.90 -3.36 -4.48
CA GLU A 103 -4.31 -1.98 -4.24
C GLU A 103 -5.32 -1.51 -5.29
N MET A 104 -5.16 -1.95 -6.53
CA MET A 104 -6.14 -1.65 -7.57
C MET A 104 -7.52 -2.17 -7.20
N ARG A 105 -7.62 -3.45 -6.84
CA ARG A 105 -8.92 -4.01 -6.48
C ARG A 105 -9.46 -3.40 -5.20
N PHE A 106 -8.57 -3.21 -4.21
CA PHE A 106 -8.97 -2.61 -2.93
C PHE A 106 -9.55 -1.21 -3.13
N ALA A 107 -8.89 -0.39 -3.93
CA ALA A 107 -9.38 0.98 -4.20
C ALA A 107 -10.75 0.95 -4.87
N LYS A 108 -10.97 0.02 -5.81
CA LYS A 108 -12.18 0.03 -6.61
C LYS A 108 -13.32 -0.76 -5.99
N MET A 109 -13.15 -1.23 -4.76
CA MET A 109 -14.05 -2.15 -4.07
C MET A 109 -15.53 -1.85 -4.24
N GLY B 1 9.99 6.35 19.28
CA GLY B 1 8.70 6.89 19.68
C GLY B 1 8.09 7.69 18.55
N PRO B 2 6.92 8.28 18.79
CA PRO B 2 6.25 9.03 17.71
C PRO B 2 7.08 10.17 17.14
N MET B 3 7.91 10.82 17.97
CA MET B 3 8.73 11.92 17.46
C MET B 3 9.70 11.46 16.40
N GLU B 4 10.42 10.36 16.68
CA GLU B 4 11.38 9.87 15.69
C GLU B 4 10.67 9.38 14.43
N GLN B 5 9.53 8.71 14.62
CA GLN B 5 8.71 8.24 13.49
C GLN B 5 8.36 9.38 12.56
N LEU B 6 7.83 10.47 13.11
CA LEU B 6 7.36 11.58 12.28
C LEU B 6 8.52 12.33 11.62
N LYS B 7 9.67 12.41 12.30
CA LYS B 7 10.85 12.92 11.60
C LYS B 7 11.18 12.03 10.40
N CYS B 8 11.12 10.71 10.58
CA CYS B 8 11.36 9.79 9.47
C CYS B 8 10.30 9.96 8.39
N CYS B 9 9.04 10.16 8.79
CA CYS B 9 8.00 10.43 7.80
C CYS B 9 8.32 11.67 7.00
N SER B 10 8.77 12.75 7.67
CA SER B 10 9.14 13.95 6.91
C SER B 10 10.32 13.68 5.97
N GLY B 11 11.21 12.75 6.34
CA GLY B 11 12.29 12.40 5.42
C GLY B 11 11.82 11.58 4.22
N ILE B 12 10.80 10.74 4.41
CA ILE B 12 10.26 9.98 3.28
C ILE B 12 9.55 10.92 2.31
N LEU B 13 8.71 11.80 2.83
CA LEU B 13 8.03 12.76 1.97
C LEU B 13 9.03 13.64 1.23
N LYS B 14 10.12 14.02 1.90
CA LYS B 14 11.15 14.82 1.26
C LYS B 14 11.79 14.06 0.10
N GLU B 15 12.06 12.77 0.29
CA GLU B 15 12.59 12.01 -0.84
C GLU B 15 11.55 11.86 -1.94
N MET B 16 10.26 11.72 -1.59
CA MET B 16 9.27 11.63 -2.66
C MET B 16 9.23 12.91 -3.48
N PHE B 17 9.62 14.06 -2.91
CA PHE B 17 9.68 15.33 -3.63
C PHE B 17 10.96 15.49 -4.44
N ALA B 18 11.94 14.61 -4.26
CA ALA B 18 13.28 14.84 -4.77
C ALA B 18 13.36 14.70 -6.29
N LYS B 19 14.40 15.29 -6.87
CA LYS B 19 14.56 15.31 -8.32
C LYS B 19 14.62 13.89 -8.89
N LYS B 20 15.25 12.95 -8.19
CA LYS B 20 15.46 11.61 -8.76
C LYS B 20 14.16 10.86 -9.01
N HIS B 21 13.05 11.29 -8.41
CA HIS B 21 11.75 10.65 -8.59
C HIS B 21 10.79 11.49 -9.38
N ALA B 22 11.20 12.70 -9.79
CA ALA B 22 10.27 13.66 -10.38
C ALA B 22 9.55 13.15 -11.62
N ALA B 23 10.11 12.15 -12.30
CA ALA B 23 9.51 11.70 -13.57
C ALA B 23 8.18 10.98 -13.36
N TYR B 24 7.93 10.44 -12.18
CA TYR B 24 6.63 9.84 -11.87
C TYR B 24 5.92 10.50 -10.69
N ALA B 25 6.61 11.30 -9.89
CA ALA B 25 5.96 11.89 -8.73
C ALA B 25 5.27 13.21 -9.01
N TRP B 26 5.55 13.86 -10.13
CA TRP B 26 5.08 15.24 -10.29
C TRP B 26 3.55 15.40 -10.31
N PRO B 27 2.73 14.45 -10.75
CA PRO B 27 1.26 14.68 -10.65
C PRO B 27 0.77 14.79 -9.22
N PHE B 28 1.50 14.23 -8.26
CA PHE B 28 1.05 14.13 -6.87
C PHE B 28 1.57 15.24 -5.97
N TYR B 29 2.25 16.26 -6.53
CA TYR B 29 2.83 17.33 -5.72
C TYR B 29 1.75 18.17 -5.06
N LYS B 30 0.64 18.40 -5.74
CA LYS B 30 -0.32 19.41 -5.33
C LYS B 30 -1.73 18.84 -5.52
N PRO B 31 -2.72 19.41 -4.83
CA PRO B 31 -4.09 18.90 -5.01
C PRO B 31 -4.49 18.89 -6.47
N VAL B 32 -5.19 17.83 -6.87
CA VAL B 32 -5.75 17.76 -8.21
C VAL B 32 -6.58 19.01 -8.45
N ASP B 33 -6.35 19.65 -9.59
CA ASP B 33 -7.08 20.85 -9.98
C ASP B 33 -8.17 20.40 -10.95
N VAL B 34 -9.36 20.12 -10.42
CA VAL B 34 -10.39 19.54 -11.28
C VAL B 34 -10.83 20.50 -12.36
N GLU B 35 -10.66 21.80 -12.15
CA GLU B 35 -10.99 22.79 -13.18
C GLU B 35 -9.94 22.82 -14.28
N ALA B 36 -8.67 23.02 -13.90
CA ALA B 36 -7.62 23.14 -14.91
C ALA B 36 -7.43 21.82 -15.63
N LEU B 37 -7.53 20.72 -14.91
CA LEU B 37 -7.63 19.50 -15.66
C LEU B 37 -9.03 19.62 -16.28
N GLY B 38 -10.09 19.34 -15.53
CA GLY B 38 -11.40 19.24 -16.18
C GLY B 38 -11.97 17.88 -15.87
N LEU B 39 -11.68 17.41 -14.66
CA LEU B 39 -12.29 16.19 -14.11
C LEU B 39 -13.58 16.62 -13.44
N HIS B 40 -14.66 16.68 -14.23
CA HIS B 40 -15.94 17.15 -13.71
C HIS B 40 -16.61 16.13 -12.79
N ASP B 41 -16.23 14.87 -12.89
CA ASP B 41 -16.75 13.79 -12.05
C ASP B 41 -15.86 13.52 -10.84
N TYR B 42 -14.70 14.18 -10.73
CA TYR B 42 -13.67 13.74 -9.78
C TYR B 42 -14.17 13.79 -8.35
N CYS B 43 -14.81 14.90 -7.96
CA CYS B 43 -15.33 15.01 -6.59
C CYS B 43 -16.54 14.10 -6.34
N ASP B 44 -17.27 13.68 -7.37
CA ASP B 44 -18.34 12.71 -7.17
C ASP B 44 -17.78 11.34 -6.84
N ILE B 45 -16.55 11.06 -7.25
CA ILE B 45 -15.98 9.73 -7.11
C ILE B 45 -14.98 9.66 -5.97
N ILE B 46 -14.19 10.72 -5.80
CA ILE B 46 -13.17 10.81 -4.76
C ILE B 46 -13.71 11.72 -3.67
N LYS B 47 -14.04 11.13 -2.52
CA LYS B 47 -14.60 11.93 -1.44
C LYS B 47 -13.56 12.58 -0.54
N HIS B 48 -12.31 12.08 -0.51
CA HIS B 48 -11.25 12.68 0.29
C HIS B 48 -9.99 12.79 -0.56
N PRO B 49 -9.87 13.86 -1.35
CA PRO B 49 -8.64 14.07 -2.13
C PRO B 49 -7.41 14.17 -1.23
N MET B 50 -6.26 13.78 -1.75
CA MET B 50 -5.03 13.86 -0.96
C MET B 50 -3.86 14.08 -1.92
N ASP B 51 -2.84 14.78 -1.44
CA ASP B 51 -1.67 15.03 -2.27
C ASP B 51 -0.49 15.32 -1.35
N MET B 52 0.70 15.42 -1.96
CA MET B 52 1.95 15.51 -1.18
C MET B 52 2.10 16.83 -0.45
N SER B 53 1.74 17.95 -1.09
CA SER B 53 1.85 19.23 -0.39
C SER B 53 0.86 19.29 0.77
N THR B 54 -0.34 18.74 0.59
CA THR B 54 -1.28 18.70 1.71
C THR B 54 -0.72 17.85 2.85
N ILE B 55 -0.09 16.73 2.51
CA ILE B 55 0.52 15.89 3.53
C ILE B 55 1.68 16.61 4.21
N LYS B 56 2.49 17.33 3.42
CA LYS B 56 3.57 18.13 4.00
C LYS B 56 3.02 19.13 5.01
N SER B 57 1.93 19.81 4.67
CA SER B 57 1.38 20.80 5.58
C SER B 57 0.78 20.16 6.82
N LYS B 58 0.18 18.97 6.68
CA LYS B 58 -0.34 18.35 7.89
C LYS B 58 0.80 17.91 8.81
N LEU B 59 1.95 17.53 8.23
CA LEU B 59 3.09 17.18 9.06
C LEU B 59 3.61 18.40 9.81
N GLU B 60 3.73 19.53 9.12
CA GLU B 60 4.22 20.75 9.74
C GLU B 60 3.18 21.42 10.63
N ALA B 61 1.97 20.87 10.72
CA ALA B 61 0.98 21.34 11.67
C ALA B 61 0.65 20.30 12.73
N ARG B 62 1.42 19.21 12.71
CA ARG B 62 1.20 18.08 13.64
C ARG B 62 -0.21 17.50 13.55
N GLU B 63 -0.80 17.39 12.34
CA GLU B 63 -2.07 16.70 12.29
C GLU B 63 -1.92 15.19 12.32
N TYR B 64 -0.70 14.67 12.26
CA TYR B 64 -0.46 13.22 12.37
C TYR B 64 0.08 12.93 13.76
N ARG B 65 -0.57 12.00 14.47
CA ARG B 65 -0.08 11.59 15.78
C ARG B 65 1.12 10.64 15.67
N ASP B 66 1.21 9.84 14.62
CA ASP B 66 2.31 8.89 14.47
C ASP B 66 2.54 8.60 13.00
N ALA B 67 3.39 7.59 12.72
CA ALA B 67 3.73 7.25 11.35
C ALA B 67 2.57 6.60 10.62
N GLN B 68 1.71 5.86 11.34
CA GLN B 68 0.61 5.18 10.64
C GLN B 68 -0.46 6.16 10.17
N GLU B 69 -0.74 7.24 10.89
CA GLU B 69 -1.64 8.26 10.34
C GLU B 69 -1.03 8.91 9.10
N PHE B 70 0.28 9.15 9.12
CA PHE B 70 0.98 9.64 7.92
C PHE B 70 0.83 8.65 6.77
N GLY B 71 1.17 7.38 7.03
CA GLY B 71 1.11 6.38 5.98
C GLY B 71 -0.28 6.23 5.38
N ALA B 72 -1.33 6.42 6.18
CA ALA B 72 -2.67 6.26 5.64
C ALA B 72 -3.04 7.37 4.68
N ASP B 73 -2.52 8.58 4.88
CA ASP B 73 -2.80 9.66 3.93
C ASP B 73 -2.03 9.45 2.63
N VAL B 74 -0.78 9.00 2.73
CA VAL B 74 -0.02 8.65 1.52
C VAL B 74 -0.75 7.58 0.72
N ARG B 75 -1.24 6.54 1.40
CA ARG B 75 -1.91 5.47 0.67
C ARG B 75 -3.25 5.94 0.12
N LEU B 76 -3.96 6.79 0.88
CA LEU B 76 -5.15 7.46 0.38
C LEU B 76 -4.88 8.17 -0.93
N MET B 77 -3.74 8.84 -1.02
CA MET B 77 -3.38 9.55 -2.24
C MET B 77 -3.26 8.58 -3.42
N PHE B 78 -2.60 7.43 -3.22
CA PHE B 78 -2.50 6.44 -4.29
C PHE B 78 -3.83 5.79 -4.59
N SER B 79 -4.59 5.43 -3.54
CA SER B 79 -5.87 4.76 -3.71
C SER B 79 -6.82 5.61 -4.57
N ASN B 80 -6.86 6.92 -4.31
CA ASN B 80 -7.70 7.81 -5.11
C ASN B 80 -7.35 7.69 -6.59
N CYS B 81 -6.06 7.65 -6.90
CA CYS B 81 -5.61 7.50 -8.31
C CYS B 81 -6.08 6.15 -8.86
N TYR B 82 -5.90 5.06 -8.12
CA TYR B 82 -6.30 3.77 -8.65
C TYR B 82 -7.82 3.67 -8.79
N LYS B 83 -8.56 4.28 -7.87
CA LYS B 83 -10.01 4.27 -7.94
C LYS B 83 -10.52 5.03 -9.15
N TYR B 84 -10.02 6.25 -9.36
CA TYR B 84 -10.62 7.15 -10.34
C TYR B 84 -10.31 6.76 -11.79
N ASN B 85 -9.15 6.17 -12.05
CA ASN B 85 -8.66 6.01 -13.41
C ASN B 85 -8.78 4.57 -13.92
N PRO B 86 -8.80 4.38 -15.24
CA PRO B 86 -8.63 3.02 -15.76
C PRO B 86 -7.30 2.46 -15.34
N PRO B 87 -7.20 1.14 -15.12
CA PRO B 87 -5.95 0.57 -14.60
C PRO B 87 -4.77 0.71 -15.55
N ASP B 88 -5.01 0.91 -16.84
CA ASP B 88 -3.91 1.06 -17.78
C ASP B 88 -3.48 2.50 -17.98
N HIS B 89 -4.10 3.45 -17.30
CA HIS B 89 -3.77 4.84 -17.55
C HIS B 89 -2.36 5.16 -17.09
N GLU B 90 -1.74 6.10 -17.78
CA GLU B 90 -0.37 6.51 -17.46
C GLU B 90 -0.21 6.98 -16.02
N VAL B 91 -1.21 7.71 -15.50
CA VAL B 91 -1.03 8.28 -14.16
C VAL B 91 -1.03 7.17 -13.11
N VAL B 92 -1.70 6.05 -13.39
CA VAL B 92 -1.72 4.91 -12.48
C VAL B 92 -0.36 4.21 -12.44
N ALA B 93 0.32 4.09 -13.58
CA ALA B 93 1.66 3.50 -13.56
C ALA B 93 2.64 4.39 -12.79
N MET B 94 2.45 5.71 -12.88
CA MET B 94 3.31 6.62 -12.15
C MET B 94 3.04 6.52 -10.64
N ALA B 95 1.77 6.40 -10.27
CA ALA B 95 1.45 6.22 -8.86
C ALA B 95 2.05 4.94 -8.32
N ARG B 96 1.97 3.85 -9.07
CA ARG B 96 2.61 2.61 -8.63
C ARG B 96 4.13 2.79 -8.47
N LYS B 97 4.79 3.43 -9.45
CA LYS B 97 6.23 3.64 -9.32
C LYS B 97 6.54 4.42 -8.06
N LEU B 98 5.72 5.43 -7.74
CA LEU B 98 6.02 6.22 -6.57
C LEU B 98 5.62 5.51 -5.28
N GLN B 99 4.56 4.70 -5.31
CA GLN B 99 4.19 3.92 -4.13
C GLN B 99 5.27 2.89 -3.79
N ASP B 100 5.95 2.34 -4.78
CA ASP B 100 7.01 1.40 -4.47
C ASP B 100 8.17 2.11 -3.77
N VAL B 101 8.46 3.37 -4.12
CA VAL B 101 9.40 4.16 -3.32
C VAL B 101 8.87 4.35 -1.91
N PHE B 102 7.59 4.69 -1.77
CA PHE B 102 7.04 4.95 -0.44
C PHE B 102 7.07 3.70 0.43
N GLU B 103 6.52 2.59 -0.08
CA GLU B 103 6.41 1.38 0.75
C GLU B 103 7.77 0.85 1.18
N MET B 104 8.77 0.94 0.30
CA MET B 104 10.11 0.48 0.65
C MET B 104 10.67 1.27 1.83
N ARG B 105 10.61 2.61 1.75
CA ARG B 105 11.11 3.45 2.85
C ARG B 105 10.25 3.30 4.10
N PHE B 106 8.93 3.22 3.93
CA PHE B 106 8.02 3.13 5.07
C PHE B 106 8.25 1.84 5.86
N ALA B 107 8.46 0.72 5.17
CA ALA B 107 8.64 -0.55 5.85
C ALA B 107 9.99 -0.63 6.57
N LYS B 108 10.99 0.06 6.03
CA LYS B 108 12.36 -0.04 6.53
C LYS B 108 12.69 0.97 7.61
N MET B 109 11.75 1.82 8.02
CA MET B 109 12.04 2.76 9.10
C MET B 109 11.79 2.09 10.45
#